data_3ELC
#
_entry.id   3ELC
#
_cell.length_a   104.676
_cell.length_b   54.833
_cell.length_c   88.506
_cell.angle_alpha   90.00
_cell.angle_beta   99.66
_cell.angle_gamma   90.00
#
_symmetry.space_group_name_H-M   'C 1 2 1'
#
loop_
_entity.id
_entity.type
_entity.pdbx_description
1 polymer '2-C-methyl-D-erythritol 2,4-cyclodiphosphate synthase'
2 non-polymer 'ZINC ION'
3 non-polymer 4-amino-1-[(2R,3R,4S,5R)-3,4-dihydroxy-5-(hydroxymethyl)oxolan-2-yl]-5-fluoro-pyrimidin-2-one
4 non-polymer 'GERANYL DIPHOSPHATE'
5 water water
#
_entity_poly.entity_id   1
_entity_poly.type   'polypeptide(L)'
_entity_poly.pdbx_seq_one_letter_code
;GSHMLEMRIGHGFDVHAFGGEGPIIIGGVRIPYEKGLLAHSDGDVALHALTDALLGAAALGDIGKLFPDTDPAFKGADSR
ELLREAWRRIQAKGYTLGNVDVTIIAQAPKMLPHIPQMRVFIAEDLGCHMDDVNVKATTTEKLGFTGRGEGIACEAVALL
IKATK
;
_entity_poly.pdbx_strand_id   A,B,C
#
# COMPACT_ATOMS: atom_id res chain seq x y z
N GLU A 6 9.57 -21.16 1.29
CA GLU A 6 8.62 -20.17 1.86
C GLU A 6 9.06 -18.73 1.59
N MET A 7 8.14 -17.79 1.84
CA MET A 7 8.24 -16.45 1.28
C MET A 7 8.03 -15.27 2.23
N ARG A 8 8.48 -14.10 1.78
CA ARG A 8 8.51 -12.90 2.59
C ARG A 8 8.01 -11.67 1.83
N ILE A 9 7.03 -10.99 2.42
CA ILE A 9 6.44 -9.80 1.83
C ILE A 9 7.20 -8.54 2.21
N GLY A 10 7.30 -7.60 1.28
CA GLY A 10 7.75 -6.27 1.62
C GLY A 10 6.92 -5.17 1.02
N HIS A 11 7.05 -3.97 1.60
CA HIS A 11 6.34 -2.79 1.14
C HIS A 11 7.21 -1.54 1.19
N GLY A 12 7.05 -0.68 0.19
CA GLY A 12 7.83 0.56 0.08
C GLY A 12 7.01 1.72 -0.46
N PHE A 13 7.22 2.89 0.11
CA PHE A 13 6.47 4.08 -0.29
C PHE A 13 7.45 5.23 -0.44
N ASP A 14 7.42 5.94 -1.56
CA ASP A 14 8.29 7.12 -1.74
C ASP A 14 7.59 8.33 -2.39
N VAL A 15 8.05 9.55 -2.06
CA VAL A 15 7.48 10.80 -2.59
C VAL A 15 8.60 11.80 -2.84
N HIS A 16 8.62 12.40 -4.02
CA HIS A 16 9.46 13.57 -4.22
C HIS A 16 8.67 14.74 -4.82
N ALA A 17 9.18 15.95 -4.60
CA ALA A 17 8.53 17.20 -5.03
C ALA A 17 9.14 17.74 -6.31
N PHE A 18 8.34 18.46 -7.10
CA PHE A 18 8.88 19.12 -8.28
C PHE A 18 9.65 20.38 -7.88
N GLY A 19 10.76 20.60 -8.56
CA GLY A 19 11.52 21.84 -8.48
C GLY A 19 12.66 21.71 -9.49
N GLY A 20 13.09 22.81 -10.05
CA GLY A 20 14.21 22.78 -10.96
C GLY A 20 13.91 22.27 -12.35
N GLU A 21 14.92 22.12 -13.16
CA GLU A 21 14.71 21.63 -14.50
C GLU A 21 14.59 20.14 -14.51
N GLY A 22 13.98 19.60 -15.53
CA GLY A 22 13.93 18.18 -15.72
C GLY A 22 15.01 17.68 -16.64
N PRO A 23 14.96 16.43 -17.05
CA PRO A 23 13.78 15.61 -17.00
C PRO A 23 13.70 14.95 -15.69
N ILE A 24 12.70 14.11 -15.49
CA ILE A 24 12.62 13.34 -14.25
C ILE A 24 13.15 11.96 -14.57
N ILE A 25 13.58 11.23 -13.55
CA ILE A 25 14.06 9.87 -13.72
C ILE A 25 13.13 8.95 -12.94
N ILE A 26 12.41 8.09 -13.64
CA ILE A 26 11.47 7.23 -12.96
C ILE A 26 11.75 5.82 -13.43
N GLY A 27 11.88 4.89 -12.50
CA GLY A 27 12.28 3.53 -12.85
C GLY A 27 13.54 3.47 -13.71
N GLY A 28 14.49 4.35 -13.41
CA GLY A 28 15.75 4.41 -14.16
C GLY A 28 15.65 5.13 -15.51
N VAL A 29 14.49 5.70 -15.80
CA VAL A 29 14.25 6.23 -17.13
C VAL A 29 14.08 7.73 -17.09
N ARG A 30 14.92 8.42 -17.86
CA ARG A 30 14.83 9.86 -18.01
C ARG A 30 13.63 10.26 -18.87
N ILE A 31 12.62 10.85 -18.22
CA ILE A 31 11.39 11.23 -18.92
C ILE A 31 11.37 12.75 -19.01
N PRO A 32 11.32 13.30 -20.24
CA PRO A 32 11.33 14.79 -20.30
C PRO A 32 10.08 15.35 -19.65
N TYR A 33 10.26 16.43 -18.89
CA TYR A 33 9.15 17.06 -18.22
C TYR A 33 9.56 18.49 -17.89
N GLU A 34 8.56 19.37 -17.72
CA GLU A 34 8.74 20.82 -17.45
C GLU A 34 9.60 21.16 -16.23
N LYS A 35 9.46 20.36 -15.18
CA LYS A 35 10.23 20.56 -13.96
C LYS A 35 10.89 19.23 -13.64
N GLY A 36 11.84 19.23 -12.71
CA GLY A 36 12.45 17.98 -12.26
C GLY A 36 12.00 17.64 -10.85
N LEU A 37 12.55 16.56 -10.31
CA LEU A 37 12.30 16.23 -8.90
C LEU A 37 13.40 16.79 -7.96
N LEU A 38 12.99 17.37 -6.84
CA LEU A 38 13.92 17.78 -5.77
C LEU A 38 14.33 16.57 -4.93
N ALA A 39 15.64 16.31 -4.83
CA ALA A 39 16.15 15.22 -3.97
C ALA A 39 17.67 15.26 -3.75
N HIS A 40 18.08 14.74 -2.58
CA HIS A 40 19.49 14.47 -2.28
C HIS A 40 19.94 13.42 -3.29
N SER A 41 19.03 12.51 -3.61
CA SER A 41 19.27 11.45 -4.60
C SER A 41 19.00 11.95 -6.02
N ASP A 42 18.81 11.02 -6.96
CA ASP A 42 18.37 11.37 -8.31
C ASP A 42 16.85 11.62 -8.33
N GLY A 43 16.18 11.30 -7.22
CA GLY A 43 14.76 11.55 -7.04
C GLY A 43 13.85 10.41 -7.43
N ASP A 44 14.43 9.33 -7.94
CA ASP A 44 13.67 8.19 -8.45
C ASP A 44 12.83 7.51 -7.36
N VAL A 45 11.58 7.97 -7.23
CA VAL A 45 10.67 7.43 -6.22
C VAL A 45 10.26 5.99 -6.54
N ALA A 46 10.43 5.59 -7.79
CA ALA A 46 9.98 4.29 -8.22
C ALA A 46 11.04 3.28 -7.85
N LEU A 47 12.30 3.64 -8.06
CA LEU A 47 13.38 2.76 -7.63
C LEU A 47 13.57 2.79 -6.14
N HIS A 48 13.29 3.93 -5.50
CA HIS A 48 13.39 4.00 -4.04
CA HIS A 48 13.36 4.04 -4.04
C HIS A 48 12.32 3.13 -3.39
N ALA A 49 11.04 3.43 -3.66
CA ALA A 49 9.96 2.64 -3.11
C ALA A 49 10.19 1.13 -3.32
N LEU A 50 10.71 0.76 -4.49
CA LEU A 50 10.95 -0.65 -4.75
C LEU A 50 12.05 -1.11 -3.83
N THR A 51 13.16 -0.39 -3.81
CA THR A 51 14.28 -0.76 -2.96
C THR A 51 13.81 -1.01 -1.53
N ASP A 52 13.02 -0.08 -1.00
CA ASP A 52 12.50 -0.20 0.35
C ASP A 52 11.65 -1.46 0.55
N ALA A 53 10.87 -1.81 -0.46
CA ALA A 53 10.02 -3.00 -0.45
C ALA A 53 10.89 -4.26 -0.41
N LEU A 54 11.99 -4.24 -1.15
CA LEU A 54 12.90 -5.35 -1.16
C LEU A 54 13.61 -5.52 0.19
N LEU A 55 14.09 -4.43 0.75
CA LEU A 55 14.73 -4.45 2.06
C LEU A 55 13.74 -4.78 3.19
N GLY A 56 12.48 -4.36 3.04
CA GLY A 56 11.46 -4.64 4.05
C GLY A 56 11.09 -6.12 4.07
N ALA A 57 11.08 -6.74 2.90
CA ALA A 57 10.87 -8.16 2.78
C ALA A 57 11.98 -8.93 3.47
N ALA A 58 13.19 -8.39 3.38
CA ALA A 58 14.38 -9.02 3.96
C ALA A 58 14.58 -8.70 5.43
N ALA A 59 13.70 -7.89 5.99
CA ALA A 59 13.88 -7.33 7.34
C ALA A 59 15.20 -6.56 7.46
N LEU A 60 15.73 -6.14 6.30
CA LEU A 60 17.00 -5.39 6.24
C LEU A 60 16.85 -3.89 6.47
N GLY A 61 15.66 -3.43 6.87
CA GLY A 61 15.43 -2.01 7.21
C GLY A 61 14.79 -1.19 6.10
N ASP A 62 15.51 -0.15 5.66
CA ASP A 62 15.13 0.65 4.48
C ASP A 62 16.40 1.26 3.87
N ILE A 63 16.22 2.26 3.01
CA ILE A 63 17.34 2.93 2.35
C ILE A 63 18.08 3.89 3.28
N GLY A 64 17.32 4.61 4.11
CA GLY A 64 17.92 5.52 5.10
C GLY A 64 18.89 4.83 6.04
N LYS A 65 18.74 3.50 6.17
CA LYS A 65 19.49 2.67 7.10
C LYS A 65 20.76 2.08 6.47
N LEU A 66 20.65 1.63 5.22
CA LEU A 66 21.80 1.09 4.48
C LEU A 66 22.72 2.17 3.92
N PHE A 67 22.13 3.27 3.45
CA PHE A 67 22.88 4.34 2.80
C PHE A 67 22.41 5.67 3.36
N PRO A 68 22.88 6.03 4.56
CA PRO A 68 22.36 7.24 5.20
C PRO A 68 22.91 8.52 4.56
N ASP A 69 22.23 9.66 4.77
CA ASP A 69 22.75 10.98 4.38
C ASP A 69 24.04 11.34 5.14
N THR A 70 24.21 10.71 6.30
CA THR A 70 25.39 10.83 7.15
C THR A 70 26.66 10.45 6.37
N ASP A 71 26.67 9.22 5.87
CA ASP A 71 27.80 8.66 5.14
C ASP A 71 27.98 9.34 3.78
N PRO A 72 29.02 10.19 3.63
CA PRO A 72 29.22 10.80 2.32
C PRO A 72 29.75 9.82 1.25
N ALA A 73 29.88 8.54 1.62
CA ALA A 73 30.38 7.49 0.70
C ALA A 73 29.49 7.19 -0.52
N PHE A 74 28.17 7.34 -0.36
CA PHE A 74 27.22 7.28 -1.48
C PHE A 74 26.65 8.67 -1.84
N LYS A 75 27.49 9.69 -1.75
CA LYS A 75 27.21 10.96 -2.45
C LYS A 75 27.37 10.73 -3.95
N GLY A 76 26.38 11.14 -4.72
CA GLY A 76 26.40 10.99 -6.19
C GLY A 76 25.91 9.64 -6.70
N ALA A 77 25.59 8.73 -5.78
CA ALA A 77 25.05 7.41 -6.16
C ALA A 77 23.64 7.60 -6.71
N ASP A 78 23.34 6.91 -7.81
CA ASP A 78 22.01 6.98 -8.42
C ASP A 78 21.18 5.79 -7.97
N SER A 79 19.88 5.87 -8.18
CA SER A 79 18.94 4.91 -7.60
C SER A 79 19.18 3.47 -8.04
N ARG A 80 19.58 3.28 -9.29
CA ARG A 80 19.88 1.92 -9.79
C ARG A 80 21.09 1.30 -9.10
N GLU A 81 22.11 2.12 -8.86
CA GLU A 81 23.32 1.68 -8.16
C GLU A 81 22.97 1.27 -6.74
N LEU A 82 22.13 2.07 -6.08
CA LEU A 82 21.65 1.73 -4.75
C LEU A 82 20.80 0.47 -4.81
N LEU A 83 19.99 0.35 -5.86
CA LEU A 83 19.15 -0.83 -5.99
C LEU A 83 20.01 -2.08 -6.08
N ARG A 84 20.99 -2.10 -7.00
CA ARG A 84 21.82 -3.31 -7.16
C ARG A 84 22.62 -3.61 -5.88
N GLU A 85 23.07 -2.57 -5.17
CA GLU A 85 23.75 -2.80 -3.88
C GLU A 85 22.84 -3.48 -2.84
N ALA A 86 21.69 -2.87 -2.54
CA ALA A 86 20.66 -3.46 -1.69
C ALA A 86 20.40 -4.92 -2.05
N TRP A 87 20.23 -5.18 -3.34
CA TRP A 87 19.90 -6.52 -3.81
C TRP A 87 21.03 -7.51 -3.48
N ARG A 88 22.27 -7.07 -3.67
CA ARG A 88 23.45 -7.87 -3.34
C ARG A 88 23.34 -8.32 -1.90
N ARG A 89 23.21 -7.36 -0.98
CA ARG A 89 23.02 -7.63 0.45
C ARG A 89 21.82 -8.54 0.78
N ILE A 90 20.71 -8.33 0.07
CA ILE A 90 19.55 -9.19 0.20
C ILE A 90 19.83 -10.63 -0.24
N GLN A 91 20.54 -10.79 -1.35
CA GLN A 91 20.89 -12.12 -1.89
C GLN A 91 21.88 -12.84 -0.97
N ALA A 92 22.77 -12.05 -0.37
CA ALA A 92 23.80 -12.49 0.58
C ALA A 92 23.22 -13.07 1.85
N LYS A 93 22.02 -12.59 2.22
CA LYS A 93 21.24 -13.13 3.32
C LYS A 93 20.40 -14.33 2.85
N GLY A 94 20.67 -14.81 1.64
CA GLY A 94 20.13 -16.06 1.13
C GLY A 94 18.72 -16.01 0.56
N TYR A 95 18.37 -14.87 -0.04
CA TYR A 95 17.04 -14.63 -0.62
C TYR A 95 17.14 -14.52 -2.13
N THR A 96 16.13 -15.07 -2.80
CA THR A 96 15.93 -14.81 -4.21
C THR A 96 14.65 -13.98 -4.41
N LEU A 97 14.42 -13.56 -5.65
CA LEU A 97 13.24 -12.80 -5.99
C LEU A 97 12.07 -13.67 -6.43
N GLY A 98 10.91 -13.35 -5.85
CA GLY A 98 9.63 -13.89 -6.30
C GLY A 98 9.12 -12.98 -7.40
N ASN A 99 8.43 -11.90 -7.02
CA ASN A 99 7.99 -10.89 -7.98
C ASN A 99 7.87 -9.47 -7.37
N VAL A 100 7.82 -8.46 -8.21
CA VAL A 100 7.61 -7.11 -7.68
C VAL A 100 6.50 -6.36 -8.45
N ASP A 101 5.79 -5.50 -7.74
CA ASP A 101 4.75 -4.66 -8.36
C ASP A 101 4.90 -3.25 -7.84
N VAL A 102 4.94 -2.32 -8.79
CA VAL A 102 5.35 -0.96 -8.55
C VAL A 102 4.23 -0.11 -9.12
N THR A 103 3.75 0.86 -8.34
CA THR A 103 2.69 1.76 -8.78
C THR A 103 3.08 3.23 -8.62
N ILE A 104 3.23 3.87 -9.76
CA ILE A 104 3.58 5.25 -9.87
C ILE A 104 2.30 6.08 -9.73
N ILE A 105 2.38 7.17 -8.96
CA ILE A 105 1.21 8.01 -8.72
C ILE A 105 1.55 9.44 -9.12
N ALA A 106 1.09 9.85 -10.27
CA ALA A 106 1.55 11.05 -10.92
C ALA A 106 0.39 11.57 -11.75
N GLN A 107 0.12 12.87 -11.62
CA GLN A 107 -0.87 13.51 -12.46
C GLN A 107 -0.30 13.61 -13.87
N ALA A 108 1.01 13.79 -13.94
CA ALA A 108 1.75 14.01 -15.17
C ALA A 108 3.23 13.83 -14.86
N PRO A 109 4.05 13.48 -15.86
CA PRO A 109 3.69 13.20 -17.24
C PRO A 109 3.18 11.80 -17.42
N LYS A 110 2.88 11.47 -18.68
CA LYS A 110 2.47 10.14 -19.13
C LYS A 110 3.61 9.14 -18.94
N MET A 111 3.34 8.03 -18.27
CA MET A 111 4.36 7.05 -17.92
C MET A 111 4.44 5.88 -18.91
N LEU A 112 3.28 5.52 -19.48
CA LEU A 112 3.10 4.56 -20.60
C LEU A 112 4.23 4.40 -21.66
N PRO A 113 4.68 5.49 -22.30
CA PRO A 113 5.70 5.24 -23.34
C PRO A 113 6.92 4.55 -22.72
N HIS A 114 7.26 4.96 -21.48
CA HIS A 114 8.54 4.65 -20.87
C HIS A 114 8.49 3.42 -19.95
N ILE A 115 7.31 2.88 -19.70
CA ILE A 115 7.15 1.80 -18.74
C ILE A 115 7.90 0.53 -19.16
N PRO A 116 7.77 0.09 -20.43
CA PRO A 116 8.37 -1.22 -20.75
C PRO A 116 9.88 -1.21 -20.49
N GLN A 117 10.51 -0.05 -20.72
CA GLN A 117 11.93 0.14 -20.49
C GLN A 117 12.28 0.06 -19.01
N MET A 118 11.44 0.65 -18.16
CA MET A 118 11.65 0.61 -16.71
C MET A 118 11.76 -0.84 -16.30
N ARG A 119 10.87 -1.66 -16.86
CA ARG A 119 10.81 -3.05 -16.46
C ARG A 119 12.08 -3.79 -16.81
N VAL A 120 12.58 -3.54 -18.02
CA VAL A 120 13.88 -4.05 -18.48
C VAL A 120 14.99 -3.71 -17.48
N PHE A 121 15.22 -2.40 -17.25
CA PHE A 121 16.24 -1.95 -16.31
C PHE A 121 16.14 -2.65 -14.94
N ILE A 122 14.91 -2.83 -14.45
CA ILE A 122 14.68 -3.40 -13.13
C ILE A 122 15.01 -4.89 -13.07
N ALA A 123 14.56 -5.62 -14.09
CA ALA A 123 14.76 -7.05 -14.18
C ALA A 123 16.24 -7.40 -14.35
N GLU A 124 16.96 -6.54 -15.06
CA GLU A 124 18.40 -6.73 -15.26
C GLU A 124 19.15 -6.37 -13.99
N ASP A 125 18.65 -5.35 -13.29
CA ASP A 125 19.20 -4.97 -12.01
C ASP A 125 18.94 -6.03 -10.95
N LEU A 126 17.77 -6.66 -11.03
CA LEU A 126 17.40 -7.69 -10.07
C LEU A 126 17.77 -9.10 -10.56
N GLY A 127 18.43 -9.16 -11.71
CA GLY A 127 18.75 -10.45 -12.35
C GLY A 127 17.59 -11.45 -12.46
N CYS A 128 16.40 -10.98 -12.81
CA CYS A 128 15.22 -11.86 -12.95
C CYS A 128 14.61 -11.83 -14.34
N HIS A 129 13.60 -12.65 -14.59
CA HIS A 129 12.81 -12.55 -15.84
C HIS A 129 11.91 -11.35 -15.77
N MET A 130 11.67 -10.73 -16.91
CA MET A 130 10.77 -9.59 -16.96
C MET A 130 9.35 -9.86 -16.49
N ASP A 131 8.94 -11.12 -16.60
CA ASP A 131 7.66 -11.61 -16.15
C ASP A 131 7.52 -11.51 -14.60
N ASP A 132 8.63 -11.22 -13.92
CA ASP A 132 8.61 -11.06 -12.46
C ASP A 132 8.49 -9.58 -12.09
N VAL A 133 8.55 -8.72 -13.10
CA VAL A 133 8.47 -7.29 -12.88
C VAL A 133 7.19 -6.76 -13.50
N ASN A 134 6.41 -6.05 -12.66
CA ASN A 134 5.23 -5.33 -13.12
C ASN A 134 5.21 -3.89 -12.61
N VAL A 135 4.95 -2.98 -13.54
CA VAL A 135 4.94 -1.58 -13.23
C VAL A 135 3.73 -0.99 -13.92
N LYS A 136 2.95 -0.21 -13.15
CA LYS A 136 1.82 0.51 -13.71
C LYS A 136 1.83 1.97 -13.22
N ALA A 137 0.89 2.76 -13.70
CA ALA A 137 0.82 4.18 -13.37
C ALA A 137 -0.65 4.59 -13.21
N THR A 138 -0.94 5.52 -12.31
CA THR A 138 -2.29 6.02 -12.11
C THR A 138 -2.36 7.48 -11.57
N THR A 139 -3.45 8.21 -11.81
CA THR A 139 -3.62 9.55 -11.21
C THR A 139 -4.47 9.57 -9.95
N THR A 140 -4.42 10.69 -9.25
CA THR A 140 -5.37 10.96 -8.17
C THR A 140 -6.49 11.87 -8.65
N GLU A 141 -6.71 11.93 -9.98
CA GLU A 141 -7.81 12.70 -10.61
C GLU A 141 -7.88 14.16 -10.17
N LYS A 142 -6.71 14.82 -10.10
CA LYS A 142 -6.54 16.24 -9.71
C LYS A 142 -6.60 16.51 -8.21
N LEU A 143 -6.91 15.49 -7.42
CA LEU A 143 -6.92 15.59 -5.96
C LEU A 143 -5.55 15.37 -5.31
N GLY A 144 -5.35 16.03 -4.15
CA GLY A 144 -4.12 15.90 -3.38
C GLY A 144 -2.94 16.65 -3.95
N PHE A 145 -1.78 16.41 -3.35
CA PHE A 145 -0.55 17.06 -3.78
C PHE A 145 -0.07 16.58 -5.16
N THR A 146 -0.37 15.32 -5.45
CA THR A 146 -0.07 14.68 -6.74
C THR A 146 -0.98 15.31 -7.77
N GLY A 147 -2.27 15.37 -7.40
CA GLY A 147 -3.31 15.86 -8.27
C GLY A 147 -3.05 17.27 -8.74
N ARG A 148 -2.57 18.13 -7.82
CA ARG A 148 -2.29 19.54 -8.12
C ARG A 148 -0.94 19.72 -8.82
N GLY A 149 -0.25 18.60 -9.02
CA GLY A 149 1.03 18.61 -9.70
C GLY A 149 2.13 19.18 -8.84
N GLU A 150 2.10 18.83 -7.55
CA GLU A 150 3.11 19.29 -6.59
C GLU A 150 4.20 18.23 -6.42
N GLY A 151 3.88 16.99 -6.79
CA GLY A 151 4.84 15.95 -6.73
C GLY A 151 4.41 14.63 -7.31
N ILE A 152 5.27 13.65 -7.11
CA ILE A 152 5.03 12.30 -7.59
C ILE A 152 5.18 11.36 -6.41
N ALA A 153 4.17 10.53 -6.18
CA ALA A 153 4.31 9.54 -5.15
C ALA A 153 4.54 8.20 -5.85
N CYS A 154 4.93 7.19 -5.08
CA CYS A 154 5.07 5.85 -5.61
C CYS A 154 4.92 4.83 -4.51
N GLU A 155 4.32 3.71 -4.85
CA GLU A 155 4.10 2.67 -3.87
C GLU A 155 4.43 1.31 -4.46
N ALA A 156 5.17 0.49 -3.72
CA ALA A 156 5.71 -0.76 -4.25
C ALA A 156 5.55 -1.95 -3.33
N VAL A 157 5.31 -3.10 -3.91
CA VAL A 157 5.28 -4.36 -3.17
C VAL A 157 6.24 -5.36 -3.76
N ALA A 158 6.78 -6.22 -2.90
CA ALA A 158 7.77 -7.19 -3.29
C ALA A 158 7.56 -8.49 -2.53
N LEU A 159 7.92 -9.57 -3.18
CA LEU A 159 7.82 -10.89 -2.60
C LEU A 159 9.15 -11.61 -2.84
N LEU A 160 9.80 -12.05 -1.77
CA LEU A 160 11.10 -12.72 -1.87
C LEU A 160 10.92 -14.20 -1.54
N ILE A 161 11.86 -15.01 -2.01
CA ILE A 161 11.88 -16.45 -1.73
C ILE A 161 13.03 -16.84 -0.78
N LYS A 162 12.68 -17.55 0.30
CA LYS A 162 13.67 -18.07 1.27
C LYS A 162 14.32 -19.34 0.70
N GLU B 6 -0.03 -23.28 2.51
CA GLU B 6 -0.68 -22.03 1.99
C GLU B 6 -0.27 -20.78 2.78
N MET B 7 -0.30 -19.62 2.12
CA MET B 7 0.06 -18.34 2.75
C MET B 7 -0.86 -17.19 2.37
N ARG B 8 -0.93 -16.19 3.24
CA ARG B 8 -1.99 -15.19 3.17
C ARG B 8 -1.48 -13.76 3.31
N ILE B 9 -1.84 -12.90 2.36
CA ILE B 9 -1.53 -11.47 2.32
C ILE B 9 -2.55 -10.62 3.11
N GLY B 10 -2.06 -9.62 3.84
CA GLY B 10 -2.94 -8.65 4.51
C GLY B 10 -2.39 -7.25 4.43
N HIS B 11 -3.26 -6.25 4.53
CA HIS B 11 -2.86 -4.87 4.36
C HIS B 11 -3.56 -3.86 5.32
N GLY B 12 -2.78 -2.97 5.92
CA GLY B 12 -3.29 -2.10 6.94
C GLY B 12 -3.02 -0.64 6.68
N PHE B 13 -4.05 0.17 6.87
CA PHE B 13 -3.90 1.61 6.74
C PHE B 13 -4.49 2.34 7.95
N ASP B 14 -3.79 3.38 8.40
CA ASP B 14 -4.26 4.14 9.52
C ASP B 14 -3.79 5.59 9.45
N VAL B 15 -4.66 6.51 9.86
CA VAL B 15 -4.32 7.91 9.98
C VAL B 15 -4.85 8.43 11.32
N HIS B 16 -4.06 9.26 12.00
CA HIS B 16 -4.57 10.13 13.07
C HIS B 16 -4.04 11.56 12.93
N ALA B 17 -4.94 12.53 13.09
CA ALA B 17 -4.57 13.97 13.14
C ALA B 17 -3.83 14.34 14.45
N PHE B 18 -3.13 15.49 14.47
CA PHE B 18 -2.50 16.00 15.71
C PHE B 18 -3.49 16.77 16.59
N GLY B 19 -3.24 16.80 17.90
CA GLY B 19 -4.12 17.51 18.82
C GLY B 19 -4.00 17.10 20.28
N GLY B 20 -4.21 18.07 21.18
CA GLY B 20 -3.91 17.89 22.60
C GLY B 20 -2.41 18.03 22.83
N GLU B 21 -1.94 17.52 23.96
CA GLU B 21 -0.51 17.55 24.32
C GLU B 21 0.12 16.16 24.20
N GLY B 22 1.35 16.10 23.70
CA GLY B 22 2.08 14.86 23.59
C GLY B 22 2.50 14.32 24.95
N PRO B 23 3.31 13.27 24.94
CA PRO B 23 3.95 12.80 23.70
C PRO B 23 3.04 11.88 22.88
N ILE B 24 3.63 11.15 21.95
CA ILE B 24 2.86 10.31 21.03
C ILE B 24 3.23 8.84 21.18
N ILE B 25 2.34 7.97 20.75
CA ILE B 25 2.51 6.54 20.92
C ILE B 25 2.57 5.88 19.54
N ILE B 26 3.76 5.42 19.17
CA ILE B 26 3.95 4.75 17.89
C ILE B 26 4.69 3.44 18.11
N GLY B 27 4.10 2.34 17.63
CA GLY B 27 4.69 1.00 17.76
C GLY B 27 5.00 0.64 19.20
N GLY B 28 4.07 0.96 20.08
CA GLY B 28 4.26 0.77 21.52
C GLY B 28 5.20 1.76 22.19
N VAL B 29 5.99 2.50 21.39
CA VAL B 29 7.03 3.38 21.92
C VAL B 29 6.59 4.84 22.10
N ARG B 30 6.76 5.35 23.32
CA ARG B 30 6.55 6.77 23.62
C ARG B 30 7.60 7.66 22.92
N ILE B 31 7.12 8.56 22.06
CA ILE B 31 7.99 9.47 21.34
C ILE B 31 7.65 10.91 21.72
N PRO B 32 8.66 11.65 22.22
CA PRO B 32 8.52 13.04 22.64
C PRO B 32 8.23 13.98 21.47
N TYR B 33 7.21 14.82 21.65
CA TYR B 33 6.76 15.73 20.59
C TYR B 33 5.78 16.78 21.09
N GLU B 34 5.88 17.97 20.50
CA GLU B 34 4.97 19.11 20.73
C GLU B 34 3.49 18.79 20.89
N LYS B 35 2.85 18.25 19.83
CA LYS B 35 1.42 17.88 19.85
C LYS B 35 1.20 16.36 20.03
N GLY B 36 -0.06 15.99 20.26
CA GLY B 36 -0.46 14.57 20.40
C GLY B 36 -1.37 14.12 19.27
N LEU B 37 -2.14 13.04 19.49
CA LEU B 37 -2.97 12.49 18.42
C LEU B 37 -4.42 12.20 18.86
N LEU B 38 -5.36 12.94 18.27
CA LEU B 38 -6.80 12.74 18.50
C LEU B 38 -7.20 11.32 18.09
N ALA B 39 -7.61 10.51 19.08
CA ALA B 39 -7.80 9.08 18.88
C ALA B 39 -8.87 8.46 19.78
N HIS B 40 -9.39 7.32 19.35
CA HIS B 40 -10.40 6.57 20.08
C HIS B 40 -9.72 5.69 21.13
N SER B 41 -8.38 5.72 21.15
CA SER B 41 -7.59 4.94 22.10
C SER B 41 -6.21 5.63 22.08
N ASP B 42 -5.16 4.92 22.51
CA ASP B 42 -3.81 5.46 22.40
C ASP B 42 -3.44 6.08 21.04
N GLY B 43 -4.18 5.67 19.99
CA GLY B 43 -3.95 6.19 18.65
C GLY B 43 -2.56 5.85 18.11
N ASP B 44 -2.13 4.63 18.42
CA ASP B 44 -0.89 4.08 17.91
C ASP B 44 -1.16 3.65 16.45
N VAL B 45 -0.84 4.57 15.54
CA VAL B 45 -1.12 4.45 14.11
C VAL B 45 -0.41 3.25 13.49
N ALA B 46 0.85 3.06 13.85
CA ALA B 46 1.63 1.92 13.38
C ALA B 46 1.01 0.59 13.80
N LEU B 47 0.58 0.49 15.06
CA LEU B 47 0.03 -0.76 15.59
C LEU B 47 -1.32 -1.08 15.02
N HIS B 48 -2.13 -0.03 14.87
CA HIS B 48 -3.45 -0.18 14.26
CA HIS B 48 -3.46 -0.14 14.25
C HIS B 48 -3.33 -0.76 12.86
N ALA B 49 -2.47 -0.17 12.03
CA ALA B 49 -2.33 -0.64 10.65
C ALA B 49 -1.82 -2.08 10.61
N LEU B 50 -0.82 -2.39 11.45
CA LEU B 50 -0.30 -3.72 11.54
C LEU B 50 -1.42 -4.68 11.93
N THR B 51 -2.31 -4.19 12.80
CA THR B 51 -3.36 -5.03 13.36
C THR B 51 -4.39 -5.32 12.28
N ASP B 52 -4.73 -4.28 11.53
CA ASP B 52 -5.66 -4.37 10.40
C ASP B 52 -5.10 -5.27 9.33
N ALA B 53 -3.80 -5.16 9.06
CA ALA B 53 -3.10 -5.98 8.09
C ALA B 53 -3.14 -7.46 8.45
N LEU B 54 -2.87 -7.82 9.71
CA LEU B 54 -2.86 -9.24 10.09
C LEU B 54 -4.27 -9.84 10.07
N LEU B 55 -5.26 -9.06 10.54
CA LEU B 55 -6.65 -9.49 10.54
C LEU B 55 -7.16 -9.65 9.12
N GLY B 56 -6.63 -8.79 8.23
CA GLY B 56 -6.96 -8.82 6.81
C GLY B 56 -6.49 -10.10 6.14
N ALA B 57 -5.32 -10.57 6.54
CA ALA B 57 -4.79 -11.81 6.01
C ALA B 57 -5.65 -12.95 6.45
N ALA B 58 -6.19 -12.87 7.67
CA ALA B 58 -7.13 -13.87 8.19
C ALA B 58 -8.53 -13.73 7.61
N ALA B 59 -8.77 -12.63 6.91
CA ALA B 59 -10.11 -12.14 6.56
C ALA B 59 -11.06 -12.02 7.75
N LEU B 60 -10.51 -11.64 8.92
CA LEU B 60 -11.32 -11.35 10.09
C LEU B 60 -11.71 -9.87 10.10
N GLY B 61 -11.62 -9.24 8.93
CA GLY B 61 -12.18 -7.92 8.71
C GLY B 61 -11.24 -6.81 9.12
N ASP B 62 -11.60 -6.08 10.17
CA ASP B 62 -10.71 -5.09 10.79
C ASP B 62 -10.81 -5.06 12.33
N ILE B 63 -10.00 -4.20 12.97
CA ILE B 63 -10.03 -4.04 14.43
C ILE B 63 -11.34 -3.40 14.90
N GLY B 64 -11.84 -2.45 14.10
CA GLY B 64 -13.19 -1.90 14.29
C GLY B 64 -14.23 -2.99 14.47
N LYS B 65 -14.09 -4.08 13.70
CA LYS B 65 -15.03 -5.22 13.70
C LYS B 65 -14.95 -6.11 14.95
N LEU B 66 -13.75 -6.26 15.50
CA LEU B 66 -13.55 -7.12 16.66
C LEU B 66 -13.75 -6.35 17.93
N PHE B 67 -13.50 -5.07 17.85
CA PHE B 67 -13.40 -4.23 19.00
C PHE B 67 -14.18 -2.93 18.87
N PRO B 68 -15.49 -3.01 18.82
CA PRO B 68 -16.34 -1.88 18.51
C PRO B 68 -16.41 -0.97 19.70
N ASP B 69 -16.84 0.25 19.51
CA ASP B 69 -16.94 1.12 20.65
C ASP B 69 -18.14 0.76 21.51
N THR B 70 -18.56 -0.49 21.33
CA THR B 70 -19.88 -1.01 21.63
C THR B 70 -19.76 -2.12 22.65
N ASP B 71 -19.04 -3.17 22.30
CA ASP B 71 -18.33 -4.02 23.24
C ASP B 71 -17.66 -3.26 24.35
N PRO B 72 -17.90 -3.71 25.55
CA PRO B 72 -17.33 -3.07 26.73
C PRO B 72 -16.09 -3.82 27.12
N ALA B 73 -15.95 -5.01 26.57
CA ALA B 73 -14.85 -5.92 26.92
C ALA B 73 -13.42 -5.35 26.76
N PHE B 74 -13.12 -4.76 25.61
CA PHE B 74 -11.77 -4.22 25.40
C PHE B 74 -11.75 -2.69 25.40
N LYS B 75 -12.91 -2.10 25.67
CA LYS B 75 -13.04 -0.66 25.85
C LYS B 75 -11.88 -0.07 26.67
N GLY B 76 -11.20 0.92 26.10
CA GLY B 76 -10.15 1.62 26.82
C GLY B 76 -8.83 0.86 26.85
N ALA B 77 -8.74 -0.22 26.08
CA ALA B 77 -7.47 -0.95 25.94
C ALA B 77 -6.47 -0.17 25.07
N ASP B 78 -5.18 -0.34 25.38
CA ASP B 78 -4.13 0.24 24.55
C ASP B 78 -3.88 -0.63 23.30
N SER B 79 -3.23 -0.05 22.30
CA SER B 79 -2.99 -0.76 21.04
C SER B 79 -2.24 -2.09 21.24
N ARG B 80 -1.22 -2.11 22.08
CA ARG B 80 -0.51 -3.37 22.36
C ARG B 80 -1.41 -4.51 22.87
N GLU B 81 -2.41 -4.16 23.69
CA GLU B 81 -3.38 -5.13 24.21
C GLU B 81 -4.15 -5.74 23.04
N LEU B 82 -4.77 -4.86 22.25
CA LEU B 82 -5.61 -5.23 21.10
C LEU B 82 -4.89 -6.13 20.10
N LEU B 83 -3.60 -5.88 19.91
CA LEU B 83 -2.79 -6.57 18.94
C LEU B 83 -2.56 -7.98 19.43
N ARG B 84 -2.39 -8.11 20.74
CA ARG B 84 -2.26 -9.41 21.36
C ARG B 84 -3.52 -10.26 21.26
N GLU B 85 -4.68 -9.64 21.41
CA GLU B 85 -5.95 -10.35 21.37
C GLU B 85 -6.36 -10.67 19.93
N ALA B 86 -6.07 -9.73 19.03
CA ALA B 86 -6.30 -9.93 17.60
C ALA B 86 -5.50 -11.13 17.16
N TRP B 87 -4.26 -11.20 17.64
CA TRP B 87 -3.31 -12.23 17.26
C TRP B 87 -3.73 -13.60 17.74
N ARG B 88 -4.21 -13.67 18.99
CA ARG B 88 -4.65 -14.91 19.58
C ARG B 88 -5.84 -15.47 18.81
N ARG B 89 -6.73 -14.58 18.38
CA ARG B 89 -7.88 -14.98 17.54
C ARG B 89 -7.43 -15.51 16.19
N ILE B 90 -6.54 -14.77 15.54
CA ILE B 90 -5.92 -15.22 14.31
C ILE B 90 -5.22 -16.56 14.49
N GLN B 91 -4.53 -16.73 15.60
CA GLN B 91 -3.91 -18.02 15.87
C GLN B 91 -4.94 -19.13 16.05
N ALA B 92 -6.09 -18.81 16.65
CA ALA B 92 -7.16 -19.78 16.84
C ALA B 92 -7.59 -20.39 15.51
N LYS B 93 -7.45 -19.63 14.43
CA LYS B 93 -7.74 -20.12 13.07
C LYS B 93 -6.58 -20.92 12.46
N GLY B 94 -5.58 -21.26 13.27
CA GLY B 94 -4.49 -22.15 12.85
C GLY B 94 -3.35 -21.45 12.14
N TYR B 95 -3.45 -20.13 12.03
CA TYR B 95 -2.45 -19.29 11.38
C TYR B 95 -1.25 -19.04 12.27
N THR B 96 -0.10 -18.80 11.66
CA THR B 96 1.10 -18.32 12.33
C THR B 96 1.77 -17.25 11.46
N LEU B 97 2.78 -16.58 11.99
CA LEU B 97 3.43 -15.47 11.28
C LEU B 97 4.42 -15.94 10.23
N GLY B 98 4.26 -15.37 9.03
CA GLY B 98 5.30 -15.43 8.00
C GLY B 98 6.24 -14.27 8.24
N ASN B 99 5.82 -13.05 7.90
CA ASN B 99 6.53 -11.84 8.29
C ASN B 99 5.65 -10.62 8.12
N VAL B 100 6.15 -9.47 8.58
CA VAL B 100 5.43 -8.21 8.53
C VAL B 100 6.33 -7.01 8.22
N ASP B 101 5.78 -6.03 7.47
CA ASP B 101 6.52 -4.85 7.07
C ASP B 101 5.68 -3.62 7.35
N VAL B 102 6.25 -2.70 8.11
CA VAL B 102 5.51 -1.53 8.51
C VAL B 102 6.18 -0.25 8.02
N THR B 103 5.38 0.64 7.43
CA THR B 103 5.85 1.89 6.83
C THR B 103 5.19 3.08 7.55
N ILE B 104 5.97 3.86 8.29
CA ILE B 104 5.44 5.07 8.97
C ILE B 104 5.61 6.28 8.05
N ILE B 105 4.55 7.08 7.96
CA ILE B 105 4.58 8.31 7.14
C ILE B 105 4.29 9.55 7.98
N ALA B 106 5.34 10.30 8.30
CA ALA B 106 5.25 11.47 9.15
C ALA B 106 6.37 12.39 8.81
N GLN B 107 6.06 13.68 8.69
CA GLN B 107 7.08 14.70 8.49
C GLN B 107 8.02 14.70 9.71
N ALA B 108 7.41 14.57 10.89
CA ALA B 108 8.08 14.59 12.19
C ALA B 108 7.25 13.78 13.19
N PRO B 109 7.83 13.36 14.34
CA PRO B 109 9.23 13.47 14.75
C PRO B 109 10.06 12.43 14.02
N LYS B 110 11.36 12.40 14.29
CA LYS B 110 12.23 11.40 13.69
C LYS B 110 11.99 10.09 14.44
N MET B 111 11.74 9.04 13.68
CA MET B 111 11.41 7.74 14.24
C MET B 111 12.64 6.88 14.55
N LEU B 112 13.71 7.04 13.76
CA LEU B 112 14.81 6.06 13.79
C LEU B 112 15.33 5.68 15.18
N PRO B 113 15.55 6.68 16.07
CA PRO B 113 15.95 6.28 17.42
C PRO B 113 15.03 5.21 18.01
N HIS B 114 13.72 5.41 17.88
CA HIS B 114 12.73 4.54 18.52
C HIS B 114 12.35 3.27 17.73
N ILE B 115 12.81 3.14 16.49
CA ILE B 115 12.44 1.98 15.67
C ILE B 115 12.94 0.64 16.25
N PRO B 116 14.23 0.55 16.58
CA PRO B 116 14.69 -0.71 17.19
C PRO B 116 13.76 -1.20 18.33
N GLN B 117 13.27 -0.28 19.15
CA GLN B 117 12.36 -0.61 20.24
C GLN B 117 10.96 -1.08 19.77
N MET B 118 10.45 -0.47 18.70
CA MET B 118 9.15 -0.87 18.13
C MET B 118 9.21 -2.33 17.74
N ARG B 119 10.26 -2.67 16.98
CA ARG B 119 10.41 -4.01 16.43
C ARG B 119 10.54 -5.05 17.53
N VAL B 120 11.23 -4.71 18.61
CA VAL B 120 11.28 -5.59 19.78
C VAL B 120 9.89 -5.75 20.40
N PHE B 121 9.17 -4.64 20.53
CA PHE B 121 7.81 -4.68 21.09
C PHE B 121 6.85 -5.59 20.30
N ILE B 122 6.86 -5.45 18.96
CA ILE B 122 5.98 -6.23 18.05
C ILE B 122 6.30 -7.73 18.04
N ALA B 123 7.58 -8.07 18.05
CA ALA B 123 8.03 -9.47 18.07
C ALA B 123 7.63 -10.24 19.34
N GLU B 124 7.50 -9.54 20.45
CA GLU B 124 7.05 -10.15 21.69
C GLU B 124 5.56 -10.40 21.58
N ASP B 125 4.82 -9.32 21.25
CA ASP B 125 3.40 -9.38 21.01
C ASP B 125 2.98 -10.46 20.00
N LEU B 126 3.86 -10.79 19.06
CA LEU B 126 3.57 -11.79 18.07
C LEU B 126 4.32 -13.10 18.31
N GLY B 127 5.23 -13.11 19.29
CA GLY B 127 6.03 -14.27 19.62
C GLY B 127 6.77 -14.82 18.42
N CYS B 128 7.44 -13.93 17.67
CA CYS B 128 8.26 -14.28 16.48
C CYS B 128 9.70 -13.80 16.65
N HIS B 129 10.58 -14.17 15.73
CA HIS B 129 11.93 -13.61 15.69
C HIS B 129 11.80 -12.19 15.19
N MET B 130 12.76 -11.34 15.52
CA MET B 130 12.72 -9.97 15.03
C MET B 130 13.04 -9.84 13.55
N ASP B 131 13.64 -10.89 13.04
CA ASP B 131 13.89 -11.07 11.64
C ASP B 131 12.57 -11.06 10.89
N ASP B 132 11.48 -11.36 11.58
CA ASP B 132 10.17 -11.36 10.95
C ASP B 132 9.48 -9.99 11.06
N VAL B 133 10.15 -9.00 11.66
CA VAL B 133 9.54 -7.65 11.82
C VAL B 133 10.34 -6.53 11.18
N ASN B 134 9.83 -5.96 10.09
CA ASN B 134 10.43 -4.75 9.56
C ASN B 134 9.58 -3.52 9.83
N VAL B 135 10.22 -2.45 10.31
CA VAL B 135 9.61 -1.11 10.49
C VAL B 135 10.47 -0.08 9.80
N LYS B 136 9.86 0.92 9.19
CA LYS B 136 10.62 1.98 8.55
C LYS B 136 9.79 3.25 8.57
N ALA B 137 10.48 4.38 8.40
CA ALA B 137 9.83 5.68 8.41
C ALA B 137 10.17 6.45 7.14
N THR B 138 9.19 7.19 6.65
CA THR B 138 9.40 8.04 5.50
C THR B 138 8.58 9.35 5.56
N THR B 139 9.04 10.34 4.80
CA THR B 139 8.35 11.63 4.69
C THR B 139 7.69 11.72 3.31
N THR B 140 6.75 12.64 3.19
CA THR B 140 6.19 13.04 1.91
C THR B 140 6.79 14.38 1.48
N GLU B 141 8.03 14.62 1.87
CA GLU B 141 8.80 15.83 1.53
C GLU B 141 8.11 17.21 1.67
N LYS B 142 7.19 17.31 2.64
CA LYS B 142 6.48 18.56 2.99
C LYS B 142 5.20 18.75 2.17
N LEU B 143 4.84 17.76 1.36
CA LEU B 143 3.60 17.78 0.58
C LEU B 143 2.50 16.99 1.27
N GLY B 144 1.25 17.36 1.01
CA GLY B 144 0.11 16.65 1.59
C GLY B 144 -0.11 17.01 3.05
N PHE B 145 -1.03 16.29 3.69
CA PHE B 145 -1.40 16.58 5.07
C PHE B 145 -0.29 16.22 6.07
N THR B 146 0.43 15.11 5.80
CA THR B 146 1.63 14.74 6.55
C THR B 146 2.73 15.79 6.41
N GLY B 147 2.99 16.22 5.19
CA GLY B 147 3.95 17.29 4.93
C GLY B 147 3.67 18.58 5.69
N ARG B 148 2.42 19.03 5.67
CA ARG B 148 2.07 20.23 6.44
C ARG B 148 2.07 19.96 7.96
N GLY B 149 2.33 18.71 8.34
CA GLY B 149 2.42 18.33 9.75
C GLY B 149 1.07 18.30 10.44
N GLU B 150 0.03 17.95 9.68
CA GLU B 150 -1.34 17.88 10.21
C GLU B 150 -1.73 16.48 10.73
N GLY B 151 -0.89 15.49 10.47
CA GLY B 151 -1.16 14.11 10.86
C GLY B 151 -0.08 13.10 10.52
N ILE B 152 -0.26 11.88 11.03
CA ILE B 152 0.63 10.77 10.74
C ILE B 152 -0.18 9.67 10.10
N ALA B 153 0.48 8.95 9.18
CA ALA B 153 -0.12 7.85 8.44
C ALA B 153 0.78 6.63 8.52
N CYS B 154 0.17 5.46 8.43
CA CYS B 154 0.95 4.26 8.44
C CYS B 154 0.37 3.16 7.54
N GLU B 155 1.21 2.61 6.68
CA GLU B 155 0.89 1.33 6.03
C GLU B 155 1.68 0.19 6.62
N ALA B 156 1.15 -1.00 6.36
CA ALA B 156 1.69 -2.22 6.89
C ALA B 156 1.20 -3.32 5.98
N VAL B 157 2.05 -4.33 5.80
CA VAL B 157 1.69 -5.48 5.04
C VAL B 157 2.01 -6.68 5.91
N ALA B 158 1.37 -7.80 5.63
CA ALA B 158 1.63 -9.01 6.39
C ALA B 158 1.36 -10.24 5.56
N LEU B 159 2.05 -11.30 5.94
CA LEU B 159 1.92 -12.59 5.35
C LEU B 159 1.71 -13.51 6.52
N LEU B 160 0.60 -14.25 6.49
CA LEU B 160 0.32 -15.29 7.47
C LEU B 160 0.56 -16.62 6.80
N ILE B 161 0.82 -17.66 7.61
CA ILE B 161 0.93 -19.04 7.13
C ILE B 161 -0.24 -19.95 7.61
N LYS B 162 -0.98 -20.52 6.64
CA LYS B 162 -2.00 -21.60 6.79
C LYS B 162 -2.80 -21.73 8.09
N GLU C 6 4.93 -21.50 -6.57
CA GLU C 6 5.06 -20.20 -5.83
C GLU C 6 3.78 -19.35 -5.79
N MET C 7 3.94 -18.15 -5.27
CA MET C 7 2.87 -17.20 -5.17
C MET C 7 3.36 -15.84 -5.60
N ARG C 8 2.42 -15.03 -6.07
CA ARG C 8 2.71 -13.81 -6.77
C ARG C 8 1.97 -12.69 -6.07
N ILE C 9 2.66 -11.61 -5.72
CA ILE C 9 1.96 -10.47 -5.10
C ILE C 9 1.58 -9.42 -6.12
N GLY C 10 0.43 -8.79 -5.93
CA GLY C 10 0.06 -7.59 -6.68
C GLY C 10 -0.55 -6.50 -5.84
N HIS C 11 -0.44 -5.26 -6.31
CA HIS C 11 -0.90 -4.11 -5.57
C HIS C 11 -1.73 -3.22 -6.47
N GLY C 12 -2.73 -2.56 -5.89
CA GLY C 12 -3.62 -1.72 -6.65
C GLY C 12 -4.01 -0.48 -5.87
N PHE C 13 -4.15 0.64 -6.57
CA PHE C 13 -4.54 1.89 -5.95
C PHE C 13 -5.36 2.72 -6.97
N ASP C 14 -6.51 3.25 -6.55
CA ASP C 14 -7.35 4.07 -7.42
C ASP C 14 -8.01 5.16 -6.60
N VAL C 15 -8.33 6.27 -7.28
CA VAL C 15 -8.98 7.45 -6.72
C VAL C 15 -10.06 7.90 -7.72
N HIS C 16 -11.19 8.40 -7.22
CA HIS C 16 -12.11 9.21 -8.03
C HIS C 16 -12.64 10.41 -7.23
N ALA C 17 -12.88 11.52 -7.93
CA ALA C 17 -13.51 12.70 -7.31
C ALA C 17 -15.04 12.59 -7.27
N PHE C 18 -15.62 13.15 -6.22
CA PHE C 18 -17.07 13.31 -6.18
C PHE C 18 -17.48 14.35 -7.20
N GLY C 19 -18.61 14.12 -7.85
CA GLY C 19 -19.16 15.07 -8.78
C GLY C 19 -20.40 14.52 -9.45
N GLY C 20 -21.33 15.42 -9.79
CA GLY C 20 -22.60 14.98 -10.37
C GLY C 20 -23.47 14.44 -9.25
N GLU C 21 -24.41 13.57 -9.59
CA GLU C 21 -25.42 13.09 -8.64
C GLU C 21 -25.14 11.67 -8.16
N GLY C 22 -25.46 11.42 -6.89
CA GLY C 22 -25.45 10.06 -6.31
C GLY C 22 -26.38 9.15 -7.10
N PRO C 23 -26.27 7.82 -6.90
CA PRO C 23 -25.41 7.15 -5.93
C PRO C 23 -24.00 6.80 -6.43
N ILE C 24 -23.14 6.38 -5.49
CA ILE C 24 -21.79 5.88 -5.76
C ILE C 24 -21.85 4.35 -5.82
N ILE C 25 -20.93 3.74 -6.55
CA ILE C 25 -20.90 2.30 -6.65
C ILE C 25 -19.55 1.82 -6.14
N ILE C 26 -19.60 0.97 -5.11
CA ILE C 26 -18.39 0.49 -4.44
C ILE C 26 -18.48 -1.02 -4.25
N GLY C 27 -17.50 -1.75 -4.78
CA GLY C 27 -17.49 -3.21 -4.72
C GLY C 27 -18.70 -3.84 -5.39
N GLY C 28 -19.28 -3.15 -6.35
CA GLY C 28 -20.49 -3.58 -7.05
C GLY C 28 -21.78 -3.13 -6.36
N VAL C 29 -21.65 -2.47 -5.22
CA VAL C 29 -22.80 -2.12 -4.38
C VAL C 29 -23.14 -0.63 -4.50
N ARG C 30 -24.40 -0.37 -4.89
CA ARG C 30 -24.94 0.99 -4.98
C ARG C 30 -25.17 1.59 -3.60
N ILE C 31 -24.39 2.60 -3.27
CA ILE C 31 -24.52 3.25 -1.99
C ILE C 31 -25.06 4.66 -2.22
N PRO C 32 -26.34 4.88 -1.90
CA PRO C 32 -26.88 6.25 -1.85
C PRO C 32 -25.90 7.26 -1.25
N TYR C 33 -25.73 8.41 -1.92
CA TYR C 33 -24.90 9.54 -1.40
C TYR C 33 -25.22 10.88 -2.07
N GLU C 34 -24.91 11.99 -1.37
CA GLU C 34 -25.19 13.37 -1.83
C GLU C 34 -24.64 13.62 -3.24
N LYS C 35 -23.37 13.33 -3.45
CA LYS C 35 -22.78 13.34 -4.78
C LYS C 35 -22.39 11.93 -5.27
N GLY C 36 -22.02 11.83 -6.54
CA GLY C 36 -21.51 10.58 -7.13
C GLY C 36 -20.03 10.66 -7.48
N LEU C 37 -19.50 9.63 -8.12
CA LEU C 37 -18.09 9.61 -8.49
C LEU C 37 -17.87 9.85 -9.99
N LEU C 38 -17.02 10.84 -10.30
CA LEU C 38 -16.68 11.17 -11.69
C LEU C 38 -15.70 10.16 -12.26
N ALA C 39 -16.09 9.56 -13.39
CA ALA C 39 -15.31 8.55 -14.06
C ALA C 39 -15.81 8.30 -15.48
N HIS C 40 -14.87 7.99 -16.38
CA HIS C 40 -15.19 7.45 -17.72
C HIS C 40 -15.82 6.06 -17.55
N SER C 41 -15.39 5.36 -16.50
CA SER C 41 -15.98 4.11 -16.08
C SER C 41 -17.12 4.40 -15.10
N ASP C 42 -17.58 3.37 -14.37
CA ASP C 42 -18.63 3.53 -13.35
C ASP C 42 -18.11 4.11 -12.02
N GLY C 43 -16.79 4.21 -11.90
CA GLY C 43 -16.19 4.85 -10.72
C GLY C 43 -15.93 3.96 -9.52
N ASP C 44 -16.10 2.65 -9.69
CA ASP C 44 -15.88 1.67 -8.61
C ASP C 44 -14.40 1.55 -8.27
N VAL C 45 -13.97 2.30 -7.27
CA VAL C 45 -12.58 2.36 -6.89
C VAL C 45 -12.10 1.06 -6.28
N ALA C 46 -12.94 0.43 -5.46
CA ALA C 46 -12.60 -0.86 -4.87
C ALA C 46 -12.32 -1.91 -5.94
N LEU C 47 -13.15 -1.95 -6.98
CA LEU C 47 -12.96 -3.00 -7.97
C LEU C 47 -11.82 -2.62 -8.91
N HIS C 48 -11.69 -1.33 -9.22
CA HIS C 48 -10.59 -0.90 -10.07
CA HIS C 48 -10.60 -0.85 -10.06
C HIS C 48 -9.26 -1.21 -9.43
N ALA C 49 -9.19 -1.07 -8.10
CA ALA C 49 -7.97 -1.31 -7.36
C ALA C 49 -7.68 -2.80 -7.24
N LEU C 50 -8.70 -3.58 -6.89
CA LEU C 50 -8.59 -5.05 -6.90
C LEU C 50 -8.12 -5.59 -8.27
N THR C 51 -8.68 -5.03 -9.34
CA THR C 51 -8.40 -5.54 -10.69
C THR C 51 -6.93 -5.32 -11.02
N ASP C 52 -6.41 -4.17 -10.59
CA ASP C 52 -5.02 -3.78 -10.82
C ASP C 52 -4.05 -4.60 -9.99
N ALA C 53 -4.48 -5.01 -8.81
CA ALA C 53 -3.68 -5.83 -7.92
C ALA C 53 -3.53 -7.23 -8.54
N LEU C 54 -4.64 -7.78 -9.04
CA LEU C 54 -4.64 -9.11 -9.69
C LEU C 54 -3.85 -9.07 -10.99
N LEU C 55 -4.06 -8.03 -11.78
CA LEU C 55 -3.28 -7.84 -12.99
C LEU C 55 -1.78 -7.66 -12.67
N GLY C 56 -1.49 -6.90 -11.61
CA GLY C 56 -0.12 -6.71 -11.19
C GLY C 56 0.56 -7.96 -10.69
N ALA C 57 -0.22 -8.79 -9.99
CA ALA C 57 0.27 -10.06 -9.49
C ALA C 57 0.67 -10.98 -10.65
N ALA C 58 -0.14 -10.95 -11.70
CA ALA C 58 0.05 -11.75 -12.89
C ALA C 58 0.99 -11.09 -13.88
N ALA C 59 1.53 -9.93 -13.52
CA ALA C 59 2.38 -9.16 -14.41
C ALA C 59 1.71 -8.80 -15.74
N LEU C 60 0.42 -8.45 -15.69
CA LEU C 60 -0.37 -8.14 -16.92
C LEU C 60 -0.61 -6.63 -17.18
N GLY C 61 0.16 -5.78 -16.49
CA GLY C 61 0.01 -4.32 -16.56
C GLY C 61 -1.02 -3.76 -15.57
N ASP C 62 -2.01 -3.07 -16.11
CA ASP C 62 -3.16 -2.61 -15.34
C ASP C 62 -4.38 -2.55 -16.26
N ILE C 63 -5.52 -2.04 -15.77
CA ILE C 63 -6.72 -1.97 -16.61
C ILE C 63 -6.48 -1.23 -17.92
N GLY C 64 -5.79 -0.08 -17.88
CA GLY C 64 -5.47 0.69 -19.07
C GLY C 64 -4.80 -0.14 -20.18
N LYS C 65 -4.17 -1.25 -19.79
CA LYS C 65 -3.42 -2.10 -20.72
C LYS C 65 -4.21 -3.32 -21.22
N LEU C 66 -5.21 -3.77 -20.46
CA LEU C 66 -6.09 -4.81 -20.97
C LEU C 66 -7.25 -4.21 -21.74
N PHE C 67 -7.57 -2.96 -21.42
CA PHE C 67 -8.72 -2.31 -22.00
C PHE C 67 -8.37 -0.92 -22.51
N PRO C 68 -7.72 -0.85 -23.69
CA PRO C 68 -7.30 0.46 -24.22
C PRO C 68 -8.43 1.13 -24.97
N ASP C 69 -8.45 2.47 -24.99
CA ASP C 69 -9.46 3.25 -25.71
C ASP C 69 -9.71 2.80 -27.17
N THR C 70 -8.77 2.03 -27.73
CA THR C 70 -9.00 1.26 -28.98
C THR C 70 -10.15 0.24 -28.89
N ASP C 71 -9.97 -0.82 -28.08
CA ASP C 71 -10.91 -1.94 -27.92
C ASP C 71 -12.32 -1.40 -27.65
N PRO C 72 -13.25 -1.60 -28.60
CA PRO C 72 -14.62 -1.13 -28.33
C PRO C 72 -15.37 -2.07 -27.40
N ALA C 73 -15.02 -3.37 -27.45
CA ALA C 73 -15.71 -4.42 -26.66
C ALA C 73 -16.14 -4.00 -25.26
N PHE C 74 -15.24 -3.29 -24.56
CA PHE C 74 -15.49 -2.96 -23.17
C PHE C 74 -15.76 -1.50 -22.88
N LYS C 75 -15.91 -0.69 -23.92
CA LYS C 75 -16.31 0.71 -23.71
C LYS C 75 -17.64 0.69 -22.97
N GLY C 76 -17.67 1.42 -21.86
CA GLY C 76 -18.89 1.54 -21.05
C GLY C 76 -19.30 0.32 -20.25
N ALA C 77 -18.52 -0.75 -20.31
CA ALA C 77 -18.77 -1.93 -19.48
C ALA C 77 -18.52 -1.60 -18.01
N ASP C 78 -19.37 -2.12 -17.11
CA ASP C 78 -19.27 -1.84 -15.68
C ASP C 78 -18.11 -2.64 -15.07
N SER C 79 -17.65 -2.19 -13.90
CA SER C 79 -16.41 -2.67 -13.30
C SER C 79 -16.33 -4.16 -12.96
N ARG C 80 -17.49 -4.80 -12.82
CA ARG C 80 -17.56 -6.23 -12.57
C ARG C 80 -17.26 -7.02 -13.82
N GLU C 81 -17.76 -6.54 -14.97
CA GLU C 81 -17.52 -7.21 -16.26
C GLU C 81 -16.05 -7.17 -16.54
N LEU C 82 -15.43 -6.02 -16.28
CA LEU C 82 -13.97 -5.86 -16.42
C LEU C 82 -13.20 -6.81 -15.53
N LEU C 83 -13.56 -6.85 -14.25
CA LEU C 83 -12.94 -7.74 -13.28
C LEU C 83 -12.96 -9.21 -13.75
N ARG C 84 -14.10 -9.66 -14.28
CA ARG C 84 -14.20 -11.04 -14.77
C ARG C 84 -13.37 -11.30 -16.01
N GLU C 85 -13.18 -10.30 -16.87
CA GLU C 85 -12.36 -10.48 -18.06
C GLU C 85 -10.88 -10.44 -17.72
N ALA C 86 -10.52 -9.53 -16.81
CA ALA C 86 -9.19 -9.54 -16.23
C ALA C 86 -8.94 -10.89 -15.56
N TRP C 87 -9.94 -11.43 -14.87
CA TRP C 87 -9.82 -12.76 -14.27
C TRP C 87 -9.62 -13.85 -15.32
N ARG C 88 -10.40 -13.80 -16.41
CA ARG C 88 -10.23 -14.79 -17.48
C ARG C 88 -8.81 -14.79 -17.98
N ARG C 89 -8.32 -13.62 -18.36
CA ARG C 89 -6.99 -13.44 -18.93
C ARG C 89 -5.89 -13.84 -17.93
N ILE C 90 -6.11 -13.54 -16.65
CA ILE C 90 -5.22 -13.97 -15.55
C ILE C 90 -5.17 -15.50 -15.37
N GLN C 91 -6.36 -16.12 -15.32
CA GLN C 91 -6.48 -17.59 -15.29
C GLN C 91 -5.79 -18.26 -16.48
N ALA C 92 -5.97 -17.68 -17.67
CA ALA C 92 -5.38 -18.15 -18.92
C ALA C 92 -3.87 -18.26 -18.87
N LYS C 93 -3.24 -17.62 -17.89
CA LYS C 93 -1.81 -17.79 -17.69
C LYS C 93 -1.51 -18.86 -16.64
N GLY C 94 -2.57 -19.42 -16.03
CA GLY C 94 -2.44 -20.53 -15.10
C GLY C 94 -2.29 -20.14 -13.64
N TYR C 95 -2.79 -18.96 -13.29
CA TYR C 95 -2.83 -18.49 -11.92
C TYR C 95 -4.20 -18.79 -11.32
N THR C 96 -4.21 -19.25 -10.08
CA THR C 96 -5.44 -19.37 -9.30
C THR C 96 -5.37 -18.34 -8.16
N LEU C 97 -6.49 -18.07 -7.50
CA LEU C 97 -6.52 -17.08 -6.44
C LEU C 97 -5.97 -17.57 -5.10
N GLY C 98 -5.02 -16.84 -4.54
CA GLY C 98 -4.64 -17.01 -3.14
C GLY C 98 -5.70 -16.37 -2.28
N ASN C 99 -5.49 -15.11 -1.92
CA ASN C 99 -6.50 -14.29 -1.23
C ASN C 99 -6.32 -12.81 -1.61
N VAL C 100 -7.32 -11.98 -1.30
CA VAL C 100 -7.22 -10.53 -1.53
C VAL C 100 -7.62 -9.68 -0.31
N ASP C 101 -7.09 -8.46 -0.23
CA ASP C 101 -7.40 -7.54 0.84
C ASP C 101 -7.60 -6.14 0.28
N VAL C 102 -8.73 -5.53 0.61
CA VAL C 102 -9.11 -4.25 0.01
C VAL C 102 -9.43 -3.26 1.12
N THR C 103 -8.85 -2.06 1.03
CA THR C 103 -9.04 -0.98 2.00
C THR C 103 -9.66 0.22 1.31
N ILE C 104 -10.95 0.45 1.57
CA ILE C 104 -11.63 1.64 1.04
C ILE C 104 -11.36 2.82 1.94
N ILE C 105 -10.88 3.92 1.35
CA ILE C 105 -10.56 5.14 2.10
C ILE C 105 -11.51 6.27 1.69
N ALA C 106 -12.52 6.50 2.52
CA ALA C 106 -13.49 7.58 2.31
C ALA C 106 -13.89 8.13 3.67
N GLN C 107 -14.12 9.44 3.73
CA GLN C 107 -14.67 10.06 4.93
C GLN C 107 -16.12 9.63 5.06
N ALA C 108 -16.78 9.49 3.91
CA ALA C 108 -18.19 9.15 3.81
C ALA C 108 -18.54 8.75 2.36
N PRO C 109 -19.61 7.97 2.15
CA PRO C 109 -20.59 7.52 3.13
C PRO C 109 -20.08 6.35 3.95
N LYS C 110 -20.98 5.76 4.73
CA LYS C 110 -20.64 4.62 5.55
C LYS C 110 -20.71 3.35 4.70
N MET C 111 -19.71 2.49 4.86
CA MET C 111 -19.53 1.33 3.97
C MET C 111 -19.91 0.02 4.63
N LEU C 112 -19.73 -0.04 5.95
CA LEU C 112 -19.89 -1.28 6.74
C LEU C 112 -21.10 -2.17 6.38
N PRO C 113 -22.32 -1.59 6.27
CA PRO C 113 -23.44 -2.48 5.99
C PRO C 113 -23.42 -3.03 4.55
N HIS C 114 -22.59 -2.45 3.70
CA HIS C 114 -22.54 -2.83 2.29
C HIS C 114 -21.38 -3.74 1.97
N ILE C 115 -20.48 -3.90 2.94
CA ILE C 115 -19.27 -4.67 2.72
C ILE C 115 -19.55 -6.15 2.49
N PRO C 116 -20.47 -6.74 3.30
CA PRO C 116 -20.86 -8.16 3.13
C PRO C 116 -21.29 -8.49 1.69
N GLN C 117 -22.04 -7.59 1.08
CA GLN C 117 -22.43 -7.74 -0.33
C GLN C 117 -21.27 -7.58 -1.28
N MET C 118 -20.37 -6.62 -1.02
CA MET C 118 -19.19 -6.40 -1.88
C MET C 118 -18.39 -7.66 -1.88
N ARG C 119 -18.25 -8.24 -0.68
CA ARG C 119 -17.49 -9.46 -0.49
C ARG C 119 -18.16 -10.60 -1.23
N VAL C 120 -19.50 -10.60 -1.22
CA VAL C 120 -20.32 -11.58 -1.97
C VAL C 120 -20.02 -11.54 -3.50
N PHE C 121 -20.14 -10.35 -4.11
CA PHE C 121 -19.91 -10.15 -5.55
C PHE C 121 -18.49 -10.47 -6.02
N ILE C 122 -17.50 -10.07 -5.23
CA ILE C 122 -16.09 -10.37 -5.55
C ILE C 122 -15.85 -11.90 -5.54
N ALA C 123 -16.39 -12.55 -4.53
CA ALA C 123 -16.37 -14.01 -4.44
C ALA C 123 -16.88 -14.65 -5.72
N GLU C 124 -18.10 -14.26 -6.13
CA GLU C 124 -18.69 -14.78 -7.38
C GLU C 124 -17.74 -14.51 -8.52
N ASP C 125 -17.41 -13.23 -8.72
CA ASP C 125 -16.57 -12.76 -9.82
C ASP C 125 -15.22 -13.42 -9.91
N LEU C 126 -14.65 -13.82 -8.77
CA LEU C 126 -13.38 -14.54 -8.81
C LEU C 126 -13.52 -16.03 -8.51
N GLY C 127 -14.76 -16.51 -8.42
CA GLY C 127 -15.07 -17.94 -8.18
C GLY C 127 -14.33 -18.55 -6.99
N CYS C 128 -14.53 -17.96 -5.81
CA CYS C 128 -13.79 -18.42 -4.62
C CYS C 128 -14.69 -18.39 -3.43
N HIS C 129 -14.17 -18.84 -2.29
CA HIS C 129 -14.88 -18.72 -1.02
C HIS C 129 -14.89 -17.27 -0.57
N MET C 130 -15.92 -16.89 0.17
CA MET C 130 -15.95 -15.58 0.79
C MET C 130 -14.78 -15.41 1.77
N ASP C 131 -14.21 -16.54 2.15
CA ASP C 131 -13.10 -16.61 3.08
C ASP C 131 -11.81 -16.02 2.49
N ASP C 132 -11.74 -15.99 1.17
CA ASP C 132 -10.59 -15.51 0.42
C ASP C 132 -10.58 -14.01 0.15
N VAL C 133 -11.59 -13.31 0.69
CA VAL C 133 -11.85 -11.93 0.29
C VAL C 133 -12.06 -11.05 1.51
N ASN C 134 -11.12 -10.13 1.74
CA ASN C 134 -11.28 -9.13 2.77
C ASN C 134 -11.56 -7.73 2.24
N VAL C 135 -12.66 -7.13 2.66
CA VAL C 135 -12.86 -5.70 2.44
C VAL C 135 -12.97 -4.92 3.75
N LYS C 136 -12.18 -3.86 3.89
CA LYS C 136 -12.29 -2.96 5.05
C LYS C 136 -12.38 -1.50 4.63
N ALA C 137 -12.88 -0.67 5.55
CA ALA C 137 -13.08 0.75 5.33
C ALA C 137 -12.51 1.55 6.49
N THR C 138 -11.91 2.68 6.15
CA THR C 138 -11.26 3.56 7.13
C THR C 138 -11.29 5.00 6.60
N THR C 139 -11.01 5.98 7.46
CA THR C 139 -11.02 7.40 7.10
C THR C 139 -9.62 7.97 7.28
N THR C 140 -9.44 9.22 6.90
CA THR C 140 -8.19 9.91 7.19
C THR C 140 -8.39 11.01 8.24
N GLU C 141 -9.41 10.85 9.09
CA GLU C 141 -9.74 11.82 10.16
C GLU C 141 -9.77 13.25 9.63
N LYS C 142 -10.62 13.52 8.64
CA LYS C 142 -10.73 14.87 8.00
C LYS C 142 -9.46 15.39 7.28
N LEU C 143 -8.38 14.61 7.24
CA LEU C 143 -7.17 15.07 6.55
C LEU C 143 -7.05 14.60 5.10
N GLY C 144 -6.32 15.38 4.31
CA GLY C 144 -6.14 15.11 2.90
C GLY C 144 -7.43 15.37 2.16
N PHE C 145 -7.45 14.98 0.89
CA PHE C 145 -8.61 15.18 0.02
C PHE C 145 -9.73 14.19 0.32
N THR C 146 -9.38 13.05 0.91
CA THR C 146 -10.40 12.10 1.37
C THR C 146 -11.14 12.73 2.54
N GLY C 147 -10.37 13.24 3.50
CA GLY C 147 -10.91 13.92 4.67
C GLY C 147 -11.85 15.09 4.41
N ARG C 148 -11.48 15.97 3.49
CA ARG C 148 -12.33 17.12 3.16
C ARG C 148 -13.52 16.72 2.28
N GLY C 149 -13.66 15.44 1.96
CA GLY C 149 -14.79 14.95 1.18
C GLY C 149 -14.68 15.21 -0.32
N GLU C 150 -13.46 15.46 -0.81
CA GLU C 150 -13.24 15.69 -2.23
C GLU C 150 -13.23 14.41 -3.11
N GLY C 151 -12.90 13.26 -2.52
CA GLY C 151 -13.01 12.01 -3.25
C GLY C 151 -12.86 10.79 -2.38
N ILE C 152 -12.83 9.63 -3.00
CA ILE C 152 -12.57 8.38 -2.32
C ILE C 152 -11.34 7.72 -2.95
N ALA C 153 -10.47 7.15 -2.12
CA ALA C 153 -9.38 6.28 -2.62
C ALA C 153 -9.60 4.84 -2.18
N CYS C 154 -8.81 3.94 -2.73
CA CYS C 154 -8.88 2.53 -2.36
C CYS C 154 -7.54 1.84 -2.62
N GLU C 155 -7.04 1.13 -1.62
CA GLU C 155 -5.84 0.30 -1.80
C GLU C 155 -6.23 -1.18 -1.85
N ALA C 156 -5.55 -1.96 -2.69
CA ALA C 156 -5.81 -3.40 -2.78
C ALA C 156 -4.52 -4.14 -2.87
N VAL C 157 -4.37 -5.21 -2.09
CA VAL C 157 -3.35 -6.20 -2.37
C VAL C 157 -3.97 -7.57 -2.71
N ALA C 158 -3.23 -8.34 -3.51
CA ALA C 158 -3.64 -9.68 -3.91
C ALA C 158 -2.49 -10.71 -3.98
N LEU C 159 -2.81 -11.98 -3.72
CA LEU C 159 -1.86 -13.09 -3.84
C LEU C 159 -2.36 -14.12 -4.84
N LEU C 160 -1.65 -14.28 -5.94
CA LEU C 160 -1.94 -15.35 -6.91
C LEU C 160 -1.07 -16.61 -6.66
N ILE C 161 -1.56 -17.77 -7.11
CA ILE C 161 -0.86 -19.05 -7.03
C ILE C 161 -0.64 -19.59 -8.44
N LYS C 162 0.57 -20.09 -8.74
CA LYS C 162 0.78 -20.91 -9.95
C LYS C 162 0.05 -22.26 -9.86
#